data_2O8P
#
_entry.id   2O8P
#
_cell.length_a   87.325
_cell.length_b   87.325
_cell.length_c   167.213
_cell.angle_alpha   90.00
_cell.angle_beta   90.00
_cell.angle_gamma   90.00
#
_symmetry.space_group_name_H-M   'I 4 2 2'
#
loop_
_entity.id
_entity.type
_entity.pdbx_description
1 polymer '14-3-3 domain containing protein'
2 water water
#
_entity_poly.entity_id   1
_entity_poly.type   'polypeptide(L)'
_entity_poly.pdbx_seq_one_letter_code
;GE(MSE)DERLLQKYRAQVFEWGGCFDK(MSE)FEALKSLIYLSEFENSEFDDEERHLLTLCIKHKISDYRT(MSE)TSQ
VLQEQTKQLNNDELVKICSEYVFSLRKDIKAFLQSFEDCVDRLVEKSFFSKFFKLKVKSDISRYKLEFGLCSLEDSKKIH
QDAFTLLCEHPDKIEQLPLGFIQNLAYILSEKYGEKKQVFN(MSE)LNSLGKILELQIKEQEN(MSE)DRKAQITVYLQG
IKDYIEK
;
_entity_poly.pdbx_strand_id   A
#
# COMPACT_ATOMS: atom_id res chain seq x y z
N ASP A 4 -20.94 -3.08 17.83
CA ASP A 4 -21.62 -2.16 16.93
C ASP A 4 -21.26 -2.49 15.48
N GLU A 5 -21.76 -1.70 14.52
CA GLU A 5 -21.54 -2.05 13.14
C GLU A 5 -20.06 -2.03 12.78
N ARG A 6 -19.33 -1.05 13.31
CA ARG A 6 -17.90 -0.95 13.00
C ARG A 6 -17.11 -2.20 13.44
N LEU A 7 -17.33 -2.66 14.67
CA LEU A 7 -16.69 -3.94 15.08
C LEU A 7 -17.17 -5.13 14.25
N LEU A 8 -18.47 -5.21 13.97
CA LEU A 8 -18.96 -6.31 13.13
C LEU A 8 -18.21 -6.37 11.81
N GLN A 9 -18.03 -5.22 11.18
CA GLN A 9 -17.36 -5.20 9.85
C GLN A 9 -15.89 -5.63 9.88
N LYS A 10 -15.20 -5.34 10.98
CA LYS A 10 -13.84 -5.83 11.20
C LYS A 10 -13.90 -7.37 11.21
N TYR A 11 -14.83 -7.89 12.01
CA TYR A 11 -14.99 -9.35 12.06
C TYR A 11 -15.37 -9.96 10.69
N ARG A 12 -16.32 -9.34 9.98
CA ARG A 12 -16.74 -9.87 8.68
C ARG A 12 -15.58 -9.81 7.71
N ALA A 13 -14.82 -8.71 7.71
CA ALA A 13 -13.65 -8.57 6.82
C ALA A 13 -12.62 -9.68 7.06
N GLN A 14 -12.32 -9.95 8.34
CA GLN A 14 -11.43 -11.06 8.66
C GLN A 14 -11.94 -12.41 8.19
N VAL A 15 -13.20 -12.69 8.49
CA VAL A 15 -13.77 -13.99 8.12
C VAL A 15 -13.79 -14.20 6.58
N PHE A 16 -14.17 -13.17 5.83
CA PHE A 16 -14.10 -13.22 4.35
C PHE A 16 -12.69 -13.42 3.85
N GLU A 17 -11.70 -12.81 4.50
CA GLU A 17 -10.31 -13.03 4.15
C GLU A 17 -9.95 -14.50 4.38
N TRP A 18 -10.35 -15.05 5.52
CA TRP A 18 -10.08 -16.47 5.81
C TRP A 18 -10.73 -17.41 4.79
N GLY A 19 -11.95 -17.08 4.37
CA GLY A 19 -12.63 -17.86 3.30
C GLY A 19 -12.19 -17.53 1.88
N GLY A 20 -11.22 -16.63 1.72
CA GLY A 20 -10.75 -16.23 0.38
C GLY A 20 -11.73 -15.48 -0.51
N CYS A 21 -12.73 -14.86 0.12
N CYS A 21 -12.77 -14.90 0.09
CA CYS A 21 -13.74 -14.10 -0.59
CA CYS A 21 -13.73 -14.07 -0.64
C CYS A 21 -13.39 -12.60 -0.59
C CYS A 21 -13.36 -12.60 -0.57
N PHE A 22 -12.49 -12.20 -1.47
CA PHE A 22 -11.89 -10.85 -1.37
C PHE A 22 -12.82 -9.73 -1.79
N ASP A 23 -13.80 -10.05 -2.63
CA ASP A 23 -14.80 -9.05 -3.01
C ASP A 23 -15.76 -8.72 -1.85
N LYS A 24 -16.19 -9.74 -1.09
CA LYS A 24 -16.98 -9.55 0.14
C LYS A 24 -16.15 -8.86 1.22
N PHE A 26 -13.81 -6.72 0.59
CA PHE A 26 -13.73 -5.31 0.20
C PHE A 26 -15.02 -4.59 0.55
N GLU A 27 -16.19 -5.23 0.39
CA GLU A 27 -17.47 -4.60 0.78
C GLU A 27 -17.51 -4.25 2.28
N ALA A 28 -17.01 -5.16 3.11
CA ALA A 28 -16.93 -4.92 4.56
C ALA A 28 -15.98 -3.75 4.83
N LEU A 29 -14.86 -3.69 4.12
CA LEU A 29 -13.89 -2.60 4.27
C LEU A 29 -14.46 -1.25 3.83
N LYS A 30 -15.23 -1.25 2.73
CA LYS A 30 -15.94 -0.03 2.33
C LYS A 30 -16.84 0.49 3.44
N SER A 31 -17.52 -0.41 4.12
CA SER A 31 -18.37 0.00 5.27
C SER A 31 -17.50 0.54 6.43
N LEU A 32 -16.38 -0.12 6.76
CA LEU A 32 -15.42 0.42 7.76
C LEU A 32 -14.94 1.83 7.47
N ILE A 33 -14.59 2.05 6.19
CA ILE A 33 -14.12 3.36 5.73
C ILE A 33 -15.23 4.41 5.96
N TYR A 34 -16.44 4.09 5.51
CA TYR A 34 -17.57 5.03 5.65
C TYR A 34 -17.80 5.34 7.14
N LEU A 35 -17.80 4.31 7.98
CA LEU A 35 -18.12 4.48 9.41
C LEU A 35 -17.08 5.33 10.14
N SER A 36 -15.81 5.00 9.88
CA SER A 36 -14.69 5.75 10.45
C SER A 36 -14.73 7.21 9.98
N GLU A 37 -15.01 7.44 8.69
CA GLU A 37 -15.10 8.79 8.14
C GLU A 37 -16.25 9.54 8.79
N PHE A 38 -17.40 8.87 8.89
CA PHE A 38 -18.61 9.49 9.47
C PHE A 38 -18.39 9.97 10.91
N GLU A 39 -17.73 9.14 11.70
CA GLU A 39 -17.48 9.44 13.09
C GLU A 39 -16.19 10.23 13.33
N ASN A 40 -15.45 10.52 12.25
CA ASN A 40 -14.14 11.15 12.33
C ASN A 40 -13.21 10.44 13.34
N SER A 41 -13.15 9.11 13.21
CA SER A 41 -12.47 8.27 14.18
C SER A 41 -11.42 7.41 13.47
N GLU A 42 -10.13 7.66 13.74
CA GLU A 42 -9.03 6.99 13.04
C GLU A 42 -9.16 5.46 13.04
N PHE A 43 -8.72 4.79 11.97
CA PHE A 43 -8.57 3.32 11.97
C PHE A 43 -7.63 2.87 13.09
N ASP A 44 -7.90 1.70 13.66
CA ASP A 44 -6.91 1.01 14.47
C ASP A 44 -5.97 0.13 13.63
N ASP A 45 -4.95 -0.47 14.24
CA ASP A 45 -3.98 -1.20 13.40
C ASP A 45 -4.54 -2.47 12.75
N GLU A 46 -5.53 -3.10 13.37
CA GLU A 46 -6.16 -4.29 12.79
C GLU A 46 -6.96 -3.90 11.54
N GLU A 47 -7.66 -2.77 11.61
CA GLU A 47 -8.40 -2.24 10.44
C GLU A 47 -7.42 -1.88 9.32
N ARG A 48 -6.31 -1.22 9.67
CA ARG A 48 -5.32 -0.89 8.63
C ARG A 48 -4.77 -2.14 7.97
N HIS A 49 -4.48 -3.16 8.76
CA HIS A 49 -3.91 -4.41 8.25
C HIS A 49 -4.90 -5.11 7.30
N LEU A 50 -6.18 -5.12 7.65
CA LEU A 50 -7.18 -5.73 6.76
C LEU A 50 -7.27 -4.97 5.43
N LEU A 51 -7.13 -3.64 5.50
CA LEU A 51 -7.22 -2.79 4.31
C LEU A 51 -6.05 -3.14 3.35
N THR A 52 -4.83 -3.26 3.86
CA THR A 52 -3.70 -3.55 2.99
C THR A 52 -3.69 -5.02 2.51
N LEU A 53 -4.17 -5.93 3.34
CA LEU A 53 -4.39 -7.32 2.91
C LEU A 53 -5.36 -7.45 1.75
N CYS A 54 -6.42 -6.66 1.77
CA CYS A 54 -7.41 -6.68 0.71
C CYS A 54 -6.81 -6.40 -0.67
N ILE A 55 -6.07 -5.29 -0.82
CA ILE A 55 -5.47 -4.97 -2.13
C ILE A 55 -4.40 -6.02 -2.50
N LYS A 56 -3.58 -6.44 -1.55
CA LYS A 56 -2.55 -7.47 -1.80
C LYS A 56 -3.24 -8.67 -2.43
N HIS A 57 -4.31 -9.13 -1.81
CA HIS A 57 -5.00 -10.35 -2.27
C HIS A 57 -5.69 -10.18 -3.61
N LYS A 58 -6.35 -9.04 -3.80
CA LYS A 58 -7.05 -8.79 -5.06
C LYS A 58 -6.05 -8.78 -6.22
N ILE A 59 -4.91 -8.13 -6.03
CA ILE A 59 -3.90 -8.05 -7.07
C ILE A 59 -3.31 -9.43 -7.34
N SER A 60 -2.96 -10.16 -6.28
CA SER A 60 -2.41 -11.50 -6.42
C SER A 60 -3.38 -12.43 -7.19
N ASP A 61 -4.66 -12.38 -6.85
CA ASP A 61 -5.66 -13.14 -7.57
C ASP A 61 -5.74 -12.80 -9.04
N TYR A 62 -5.76 -11.51 -9.32
CA TYR A 62 -5.80 -11.03 -10.69
C TYR A 62 -4.60 -11.64 -11.46
N ARG A 63 -3.41 -11.54 -10.87
CA ARG A 63 -2.21 -12.05 -11.53
C ARG A 63 -2.33 -13.55 -11.81
N THR A 64 -2.79 -14.31 -10.82
CA THR A 64 -2.94 -15.78 -10.94
C THR A 64 -3.94 -16.15 -12.04
N THR A 66 -5.16 -14.37 -14.52
N THR A 66 -5.14 -14.40 -14.54
CA THR A 66 -4.69 -13.93 -15.85
CA THR A 66 -4.75 -14.00 -15.89
C THR A 66 -3.66 -14.93 -16.38
C THR A 66 -3.60 -14.88 -16.40
N SER A 67 -2.63 -15.20 -15.60
N SER A 67 -2.65 -15.19 -15.54
CA SER A 67 -1.55 -16.09 -16.02
CA SER A 67 -1.55 -16.09 -15.96
C SER A 67 -2.05 -17.52 -16.33
C SER A 67 -2.10 -17.47 -16.36
N GLN A 68 -3.04 -18.01 -15.57
CA GLN A 68 -3.64 -19.33 -15.82
C GLN A 68 -4.33 -19.38 -17.18
N VAL A 69 -5.10 -18.34 -17.49
CA VAL A 69 -5.83 -18.32 -18.76
C VAL A 69 -4.85 -18.17 -19.93
N LEU A 70 -3.87 -17.27 -19.80
CA LEU A 70 -2.90 -17.06 -20.88
C LEU A 70 -2.06 -18.32 -21.14
N GLN A 71 -1.64 -19.01 -20.07
CA GLN A 71 -0.91 -20.27 -20.20
C GLN A 71 -1.68 -21.33 -21.01
N GLU A 72 -2.96 -21.49 -20.71
CA GLU A 72 -3.81 -22.44 -21.41
C GLU A 72 -4.09 -21.99 -22.84
N GLN A 73 -4.33 -20.69 -23.03
CA GLN A 73 -4.58 -20.13 -24.37
C GLN A 73 -3.47 -20.55 -25.34
N THR A 74 -2.22 -20.38 -24.91
CA THR A 74 -1.07 -20.68 -25.79
C THR A 74 -0.93 -22.17 -26.16
N LYS A 75 -1.44 -23.06 -25.32
CA LYS A 75 -1.33 -24.49 -25.59
C LYS A 75 -2.43 -25.02 -26.54
N GLN A 76 -3.40 -24.19 -26.90
CA GLN A 76 -4.43 -24.62 -27.86
C GLN A 76 -3.90 -24.41 -29.28
N LEU A 77 -3.85 -25.47 -30.07
CA LEU A 77 -3.32 -25.32 -31.42
C LEU A 77 -4.47 -24.94 -32.36
N ASN A 78 -4.34 -23.85 -33.08
CA ASN A 78 -5.32 -23.53 -34.09
C ASN A 78 -6.78 -23.58 -33.62
N ASN A 79 -7.12 -22.74 -32.66
CA ASN A 79 -8.53 -22.51 -32.38
C ASN A 79 -8.67 -21.00 -32.18
N ASP A 80 -8.89 -20.31 -33.28
CA ASP A 80 -8.89 -18.85 -33.29
C ASP A 80 -10.05 -18.30 -32.42
N GLU A 81 -11.19 -18.96 -32.50
CA GLU A 81 -12.39 -18.54 -31.75
C GLU A 81 -12.20 -18.69 -30.25
N LEU A 82 -11.66 -19.82 -29.82
CA LEU A 82 -11.38 -19.99 -28.39
C LEU A 82 -10.32 -18.99 -27.93
N VAL A 83 -9.28 -18.76 -28.74
CA VAL A 83 -8.29 -17.73 -28.39
C VAL A 83 -8.95 -16.37 -28.18
N LYS A 84 -9.90 -16.00 -29.03
CA LYS A 84 -10.55 -14.71 -28.92
C LYS A 84 -11.34 -14.60 -27.61
N ILE A 85 -11.97 -15.69 -27.20
CA ILE A 85 -12.73 -15.74 -25.94
C ILE A 85 -11.76 -15.56 -24.74
N CYS A 86 -10.63 -16.25 -24.81
CA CYS A 86 -9.58 -16.10 -23.79
C CYS A 86 -9.13 -14.64 -23.72
N SER A 87 -8.86 -14.01 -24.86
CA SER A 87 -8.40 -12.62 -24.87
C SER A 87 -9.44 -11.67 -24.30
N GLU A 88 -10.70 -11.89 -24.66
CA GLU A 88 -11.82 -11.08 -24.15
C GLU A 88 -11.92 -11.20 -22.62
N TYR A 89 -11.80 -12.42 -22.12
CA TYR A 89 -11.82 -12.65 -20.67
C TYR A 89 -10.65 -11.97 -19.95
N VAL A 90 -9.45 -12.13 -20.51
CA VAL A 90 -8.25 -11.51 -19.95
C VAL A 90 -8.42 -9.97 -19.88
N PHE A 91 -9.00 -9.40 -20.95
CA PHE A 91 -9.23 -7.97 -20.98
C PHE A 91 -10.22 -7.56 -19.88
N SER A 92 -11.30 -8.32 -19.73
N SER A 92 -11.29 -8.36 -19.73
CA SER A 92 -12.30 -8.01 -18.71
CA SER A 92 -12.33 -8.08 -18.74
C SER A 92 -11.70 -8.04 -17.31
C SER A 92 -11.78 -8.12 -17.30
N LEU A 93 -10.84 -9.02 -17.05
CA LEU A 93 -10.19 -9.13 -15.72
C LEU A 93 -9.34 -7.88 -15.44
N ARG A 94 -8.65 -7.39 -16.47
CA ARG A 94 -7.83 -6.17 -16.35
C ARG A 94 -8.74 -4.95 -16.10
N LYS A 95 -9.87 -4.89 -16.80
CA LYS A 95 -10.78 -3.76 -16.62
C LYS A 95 -11.28 -3.77 -15.17
N ASP A 96 -11.56 -4.96 -14.66
CA ASP A 96 -12.11 -5.09 -13.30
C ASP A 96 -11.06 -4.71 -12.26
N ILE A 97 -9.80 -5.09 -12.48
CA ILE A 97 -8.74 -4.75 -11.49
C ILE A 97 -8.50 -3.26 -11.50
N LYS A 98 -8.58 -2.64 -12.69
CA LYS A 98 -8.48 -1.21 -12.79
C LYS A 98 -9.62 -0.51 -12.01
N ALA A 99 -10.84 -0.99 -12.18
CA ALA A 99 -12.02 -0.51 -11.43
C ALA A 99 -11.80 -0.66 -9.91
N PHE A 100 -11.31 -1.83 -9.52
CA PHE A 100 -10.97 -2.06 -8.11
C PHE A 100 -9.98 -1.02 -7.61
N LEU A 101 -8.89 -0.80 -8.35
CA LEU A 101 -7.89 0.19 -7.94
C LEU A 101 -8.51 1.58 -7.76
N GLN A 102 -9.42 1.96 -8.65
CA GLN A 102 -10.12 3.26 -8.56
C GLN A 102 -10.99 3.37 -7.29
N SER A 103 -11.72 2.31 -7.00
CA SER A 103 -12.61 2.29 -5.81
C SER A 103 -11.80 2.25 -4.53
N PHE A 104 -10.75 1.43 -4.57
CA PHE A 104 -9.91 1.28 -3.37
C PHE A 104 -9.21 2.60 -3.08
N GLU A 105 -8.76 3.27 -4.14
CA GLU A 105 -8.13 4.57 -3.95
C GLU A 105 -9.12 5.61 -3.41
N ASP A 106 -10.37 5.60 -3.88
CA ASP A 106 -11.42 6.47 -3.28
C ASP A 106 -11.48 6.29 -1.77
N CYS A 107 -11.53 5.02 -1.34
CA CYS A 107 -11.57 4.68 0.08
C CYS A 107 -10.37 5.21 0.84
N VAL A 108 -9.17 4.96 0.30
CA VAL A 108 -7.94 5.37 0.98
C VAL A 108 -7.86 6.89 1.14
N ASP A 109 -8.29 7.61 0.11
CA ASP A 109 -8.36 9.08 0.19
C ASP A 109 -9.24 9.57 1.33
N ARG A 110 -10.21 8.74 1.74
CA ARG A 110 -11.17 9.11 2.79
C ARG A 110 -10.76 8.61 4.17
N LEU A 111 -9.55 8.03 4.29
CA LEU A 111 -9.03 7.63 5.60
C LEU A 111 -8.92 8.86 6.52
N VAL A 112 -9.36 8.71 7.76
CA VAL A 112 -9.24 9.76 8.78
C VAL A 112 -7.77 9.85 9.20
N GLU A 113 -7.26 11.09 9.32
CA GLU A 113 -5.91 11.32 9.80
C GLU A 113 -5.92 12.09 11.12
N LYS A 114 -5.26 11.54 12.14
CA LYS A 114 -5.03 12.29 13.36
C LYS A 114 -3.59 12.09 13.83
N SER A 115 -3.21 10.83 14.08
CA SER A 115 -1.86 10.51 14.51
C SER A 115 -0.89 10.74 13.37
N PHE A 116 0.37 10.91 13.73
CA PHE A 116 1.42 11.01 12.73
C PHE A 116 1.44 9.78 11.85
N PHE A 117 1.36 8.60 12.47
CA PHE A 117 1.37 7.37 11.70
C PHE A 117 0.19 7.33 10.72
N SER A 118 -1.00 7.77 11.15
CA SER A 118 -2.14 7.74 10.21
C SER A 118 -1.89 8.62 8.97
N LYS A 119 -1.18 9.74 9.13
CA LYS A 119 -0.84 10.61 7.98
C LYS A 119 0.16 9.94 7.05
N PHE A 120 1.19 9.33 7.63
CA PHE A 120 2.19 8.60 6.86
C PHE A 120 1.57 7.36 6.18
N PHE A 121 0.73 6.65 6.92
CA PHE A 121 0.08 5.43 6.42
C PHE A 121 -0.73 5.76 5.15
N LYS A 122 -1.52 6.83 5.20
CA LYS A 122 -2.33 7.22 4.02
C LYS A 122 -1.45 7.46 2.81
N LEU A 123 -0.33 8.17 3.01
CA LEU A 123 0.57 8.44 1.89
C LEU A 123 1.27 7.17 1.40
N LYS A 124 1.68 6.31 2.33
CA LYS A 124 2.35 5.05 1.99
C LYS A 124 1.41 4.19 1.13
N VAL A 125 0.16 4.04 1.55
CA VAL A 125 -0.80 3.21 0.82
C VAL A 125 -1.13 3.82 -0.54
N LYS A 126 -1.30 5.14 -0.57
CA LYS A 126 -1.45 5.87 -1.83
C LYS A 126 -0.26 5.65 -2.81
N SER A 127 0.95 5.66 -2.27
N SER A 127 0.96 5.63 -2.27
CA SER A 127 2.14 5.35 -3.04
CA SER A 127 2.14 5.35 -3.08
C SER A 127 2.03 3.95 -3.65
C SER A 127 2.15 3.91 -3.62
N ASP A 128 1.71 2.96 -2.79
CA ASP A 128 1.55 1.54 -3.24
C ASP A 128 0.51 1.43 -4.35
N ILE A 129 -0.64 2.07 -4.15
CA ILE A 129 -1.68 2.14 -5.20
C ILE A 129 -1.12 2.76 -6.51
N SER A 130 -0.38 3.85 -6.39
CA SER A 130 0.16 4.53 -7.59
C SER A 130 1.08 3.61 -8.41
N ARG A 131 1.79 2.68 -7.77
CA ARG A 131 2.65 1.75 -8.49
C ARG A 131 1.83 0.77 -9.30
N TYR A 132 0.75 0.25 -8.71
CA TYR A 132 -0.18 -0.55 -9.51
C TYR A 132 -0.83 0.27 -10.62
N LYS A 133 -1.26 1.50 -10.33
CA LYS A 133 -1.92 2.35 -11.32
C LYS A 133 -0.97 2.69 -12.48
N LEU A 134 0.31 2.83 -12.16
CA LEU A 134 1.37 3.03 -13.17
C LEU A 134 1.40 1.85 -14.16
N GLU A 135 1.54 0.64 -13.62
CA GLU A 135 1.51 -0.59 -14.40
C GLU A 135 0.23 -0.73 -15.24
N PHE A 136 -0.91 -0.33 -14.69
CA PHE A 136 -2.20 -0.58 -15.34
C PHE A 136 -2.78 0.58 -16.16
N GLY A 137 -1.95 1.58 -16.45
CA GLY A 137 -2.34 2.68 -17.32
C GLY A 137 -3.27 3.70 -16.70
N LEU A 138 -3.21 3.85 -15.37
CA LEU A 138 -4.11 4.73 -14.66
C LEU A 138 -3.43 5.99 -14.11
N CYS A 139 -2.10 6.01 -14.14
CA CYS A 139 -1.38 7.24 -13.76
C CYS A 139 -0.01 7.31 -14.43
N SER A 140 0.53 8.52 -14.47
CA SER A 140 1.86 8.77 -15.05
C SER A 140 2.96 8.47 -14.05
N LEU A 141 4.18 8.32 -14.58
CA LEU A 141 5.36 8.09 -13.76
C LEU A 141 5.57 9.29 -12.83
N GLU A 142 5.35 10.48 -13.38
CA GLU A 142 5.47 11.75 -12.62
C GLU A 142 4.54 11.77 -11.41
N ASP A 143 3.28 11.41 -11.64
CA ASP A 143 2.29 11.45 -10.56
C ASP A 143 2.58 10.39 -9.50
N SER A 144 3.03 9.22 -9.94
CA SER A 144 3.42 8.18 -9.00
C SER A 144 4.62 8.61 -8.15
N LYS A 145 5.62 9.19 -8.80
CA LYS A 145 6.84 9.62 -8.13
C LYS A 145 6.53 10.67 -7.07
N LYS A 146 5.67 11.62 -7.44
CA LYS A 146 5.26 12.70 -6.56
C LYS A 146 4.67 12.18 -5.24
N ILE A 147 3.86 11.13 -5.33
CA ILE A 147 3.20 10.62 -4.12
C ILE A 147 4.23 9.97 -3.22
N HIS A 148 5.21 9.27 -3.82
CA HIS A 148 6.29 8.65 -3.06
C HIS A 148 7.17 9.72 -2.39
N GLN A 149 7.46 10.80 -3.12
CA GLN A 149 8.18 11.96 -2.57
C GLN A 149 7.46 12.64 -1.40
N ASP A 150 6.14 12.82 -1.52
CA ASP A 150 5.31 13.35 -0.42
C ASP A 150 5.40 12.51 0.85
N ALA A 151 5.39 11.18 0.73
CA ALA A 151 5.54 10.31 1.91
C ALA A 151 6.93 10.43 2.52
N PHE A 152 7.94 10.45 1.65
CA PHE A 152 9.34 10.55 2.10
C PHE A 152 9.65 11.89 2.78
N THR A 153 9.11 12.98 2.23
CA THR A 153 9.19 14.33 2.80
C THR A 153 8.59 14.37 4.22
N LEU A 154 7.41 13.77 4.39
CA LEU A 154 6.72 13.77 5.69
C LEU A 154 7.57 13.07 6.74
N LEU A 155 8.11 11.91 6.38
CA LEU A 155 9.03 11.13 7.21
C LEU A 155 10.20 12.00 7.67
N CYS A 156 10.83 12.67 6.70
CA CYS A 156 12.03 13.47 6.95
C CYS A 156 11.78 14.79 7.67
N GLU A 157 10.59 15.37 7.53
CA GLU A 157 10.25 16.60 8.28
C GLU A 157 9.98 16.39 9.77
N HIS A 158 9.78 15.13 10.17
CA HIS A 158 9.44 14.86 11.57
C HIS A 158 10.27 13.75 12.19
N PRO A 159 11.60 13.94 12.22
CA PRO A 159 12.53 12.94 12.75
C PRO A 159 12.25 12.58 14.21
N ASP A 160 11.69 13.52 14.97
CA ASP A 160 11.32 13.26 16.36
C ASP A 160 10.20 12.20 16.52
N LYS A 161 9.48 11.93 15.44
CA LYS A 161 8.35 10.98 15.51
C LYS A 161 8.62 9.68 14.74
N ILE A 162 9.86 9.50 14.28
CA ILE A 162 10.23 8.32 13.45
C ILE A 162 9.79 6.97 14.05
N GLU A 163 9.87 6.85 15.37
CA GLU A 163 9.52 5.60 16.04
C GLU A 163 8.03 5.24 15.97
N GLN A 164 7.21 6.18 15.51
CA GLN A 164 5.79 5.94 15.32
C GLN A 164 5.49 5.22 14.01
N LEU A 165 6.52 5.06 13.18
CA LEU A 165 6.39 4.43 11.89
C LEU A 165 7.10 3.08 11.87
N PRO A 166 6.54 2.08 11.15
CA PRO A 166 7.23 0.81 11.00
C PRO A 166 8.52 0.99 10.19
N LEU A 167 9.62 0.42 10.69
CA LEU A 167 10.92 0.57 9.99
C LEU A 167 10.91 -0.01 8.57
N GLY A 168 10.16 -1.09 8.34
CA GLY A 168 10.06 -1.64 6.99
C GLY A 168 9.39 -0.71 5.98
N PHE A 169 8.42 0.08 6.44
CA PHE A 169 7.78 1.07 5.57
C PHE A 169 8.81 2.10 5.13
N ILE A 170 9.69 2.47 6.06
CA ILE A 170 10.70 3.48 5.79
C ILE A 170 11.70 2.94 4.76
N GLN A 171 12.15 1.71 4.98
CA GLN A 171 13.14 1.07 4.10
C GLN A 171 12.63 0.85 2.68
N ASN A 172 11.40 0.33 2.56
CA ASN A 172 10.75 0.16 1.27
C ASN A 172 10.59 1.46 0.47
N LEU A 173 10.17 2.53 1.15
CA LEU A 173 10.02 3.82 0.50
C LEU A 173 11.35 4.38 0.01
N ALA A 174 12.37 4.25 0.87
CA ALA A 174 13.74 4.67 0.51
C ALA A 174 14.20 3.84 -0.68
N TYR A 175 14.07 2.52 -0.57
CA TYR A 175 14.43 1.60 -1.67
C TYR A 175 13.72 1.95 -3.00
N ILE A 176 12.40 2.11 -2.96
CA ILE A 176 11.63 2.45 -4.17
C ILE A 176 12.07 3.79 -4.77
N LEU A 177 12.17 4.83 -3.95
CA LEU A 177 12.52 6.15 -4.48
C LEU A 177 13.91 6.20 -5.09
N SER A 178 14.85 5.47 -4.51
CA SER A 178 16.24 5.51 -4.98
C SER A 178 16.50 4.55 -6.16
N GLU A 179 15.86 3.39 -6.16
CA GLU A 179 16.11 2.36 -7.18
C GLU A 179 15.18 2.40 -8.38
N LYS A 180 13.97 2.92 -8.18
CA LYS A 180 12.91 2.88 -9.21
C LYS A 180 12.56 4.25 -9.74
N TYR A 181 12.83 5.28 -8.96
CA TYR A 181 12.46 6.63 -9.36
C TYR A 181 13.68 7.54 -9.55
N GLY A 182 14.86 6.93 -9.53
CA GLY A 182 16.12 7.63 -9.79
C GLY A 182 16.37 8.79 -8.85
N GLU A 183 16.12 8.57 -7.56
CA GLU A 183 16.41 9.58 -6.53
C GLU A 183 17.45 9.09 -5.53
N LYS A 184 18.41 8.29 -6.01
CA LYS A 184 19.45 7.72 -5.14
C LYS A 184 20.21 8.79 -4.35
N LYS A 185 20.49 9.91 -5.01
CA LYS A 185 21.23 11.01 -4.40
C LYS A 185 20.41 11.76 -3.34
N GLN A 186 19.15 12.07 -3.66
CA GLN A 186 18.25 12.76 -2.73
C GLN A 186 18.04 11.93 -1.47
N VAL A 187 17.72 10.65 -1.67
CA VAL A 187 17.45 9.73 -0.59
C VAL A 187 18.67 9.55 0.32
N PHE A 188 19.85 9.35 -0.26
CA PHE A 188 21.07 9.15 0.52
C PHE A 188 21.35 10.41 1.38
N ASN A 189 21.20 11.57 0.76
CA ASN A 189 21.38 12.85 1.43
C ASN A 189 20.41 13.08 2.59
N LEU A 191 18.57 10.83 4.19
CA LEU A 191 18.75 9.81 5.23
C LEU A 191 20.06 10.02 6.02
N ASN A 192 21.03 10.66 5.39
CA ASN A 192 22.28 11.02 6.07
C ASN A 192 21.95 12.00 7.18
N SER A 193 21.18 13.02 6.81
CA SER A 193 20.68 14.03 7.74
C SER A 193 19.79 13.46 8.83
N LEU A 194 18.87 12.57 8.45
CA LEU A 194 17.99 11.91 9.43
C LEU A 194 18.83 11.11 10.42
N GLY A 195 19.83 10.38 9.92
CA GLY A 195 20.82 9.63 10.72
C GLY A 195 21.47 10.47 11.80
N LYS A 196 21.96 11.65 11.42
CA LYS A 196 22.60 12.58 12.36
C LYS A 196 21.61 13.03 13.44
N ILE A 197 20.36 13.26 13.05
CA ILE A 197 19.36 13.71 14.01
C ILE A 197 19.12 12.58 15.01
N LEU A 198 19.14 11.34 14.53
CA LEU A 198 18.91 10.20 15.44
C LEU A 198 20.12 9.98 16.35
N GLU A 199 21.32 10.15 15.82
CA GLU A 199 22.53 10.10 16.65
C GLU A 199 22.44 11.07 17.82
N LEU A 200 21.97 12.28 17.56
CA LEU A 200 21.76 13.28 18.62
C LEU A 200 20.67 12.85 19.60
N GLN A 201 19.53 12.36 19.11
CA GLN A 201 18.47 11.86 19.97
C GLN A 201 19.05 10.81 20.92
N ILE A 202 19.86 9.91 20.40
CA ILE A 202 20.48 8.84 21.23
C ILE A 202 21.39 9.44 22.30
N LYS A 203 22.28 10.34 21.89
CA LYS A 203 23.15 11.05 22.82
C LYS A 203 22.39 11.72 23.97
N GLU A 204 21.25 12.35 23.65
CA GLU A 204 20.50 13.12 24.61
C GLU A 204 19.48 12.29 25.43
N GLN A 205 19.29 11.02 25.08
CA GLN A 205 18.33 10.16 25.75
C GLN A 205 19.01 9.50 26.94
N GLU A 206 18.57 9.83 28.15
CA GLU A 206 19.14 9.27 29.39
C GLU A 206 18.88 7.77 29.55
N ASN A 207 17.69 7.32 29.19
CA ASN A 207 17.32 5.93 29.38
C ASN A 207 18.02 4.98 28.41
N ASP A 209 17.47 1.69 27.71
CA ASP A 209 16.57 0.91 26.88
C ASP A 209 16.08 1.77 25.71
N ARG A 210 15.73 3.03 25.99
CA ARG A 210 15.31 3.96 24.92
C ARG A 210 16.41 4.22 23.88
N LYS A 211 17.66 4.40 24.35
CA LYS A 211 18.82 4.52 23.45
C LYS A 211 18.85 3.35 22.46
N ALA A 212 18.69 2.13 22.98
CA ALA A 212 18.71 0.92 22.12
C ALA A 212 17.54 0.90 21.13
N GLN A 213 16.37 1.32 21.58
CA GLN A 213 15.18 1.38 20.69
C GLN A 213 15.39 2.30 19.49
N ILE A 214 15.91 3.50 19.72
CA ILE A 214 16.25 4.45 18.64
C ILE A 214 17.38 3.90 17.77
N THR A 215 18.36 3.23 18.38
CA THR A 215 19.44 2.59 17.60
C THR A 215 18.93 1.61 16.53
N VAL A 216 17.79 0.95 16.80
CA VAL A 216 17.22 0.02 15.83
C VAL A 216 16.88 0.77 14.53
N TYR A 217 16.33 1.97 14.68
CA TYR A 217 16.00 2.81 13.52
C TYR A 217 17.25 3.38 12.87
N LEU A 218 18.20 3.82 13.69
CA LEU A 218 19.46 4.36 13.16
C LEU A 218 20.17 3.31 12.29
N GLN A 219 20.27 2.09 12.80
CA GLN A 219 20.88 1.00 12.05
C GLN A 219 20.05 0.68 10.79
N GLY A 220 18.73 0.64 10.96
CA GLY A 220 17.81 0.27 9.91
C GLY A 220 17.91 1.19 8.73
N ILE A 221 18.14 2.46 9.03
CA ILE A 221 18.26 3.53 8.03
C ILE A 221 19.55 3.45 7.21
N LYS A 222 20.62 2.92 7.79
CA LYS A 222 21.91 2.79 7.11
C LYS A 222 21.95 1.66 6.08
#